data_8Q0X
#
_entry.id   8Q0X
#
_cell.length_a   44.923
_cell.length_b   72.561
_cell.length_c   52.503
_cell.angle_alpha   90.000
_cell.angle_beta   109.190
_cell.angle_gamma   90.000
#
_symmetry.space_group_name_H-M   'P 1 21 1'
#
loop_
_entity.id
_entity.type
_entity.pdbx_description
1 polymer Endothiapepsin
2 non-polymer 'DIMETHYL SULFOXIDE'
3 non-polymer (3~{R},5~{R})-3-[2-[[methyl(propyl)amino]methyl]-1,3-thiazol-4-yl]-5-[3-[4-(trifluoromethyl)phenyl]-1,2,4-oxadiazol-5-yl]pyrrolidin-3-ol
4 non-polymer 'ACETATE ION'
5 water water
#
_entity_poly.entity_id   1
_entity_poly.type   'polypeptide(L)'
_entity_poly.pdbx_seq_one_letter_code
;STGSATTTPIDSLDDAYITPVQIGTPAQTLNLDFDTGSSDLWVFSSETTASEVDGQTIYTPSKSTTAKLLSGATWSISYG
DGSSSSGDVYTDTVSVGGLTVTGQAVESAKKVSSSFTEDSTIDGLLGLAFSTLNTVSPTQQKTFFDNAKASLDSPVFTAD
LGYHAPGTYNFGFIDTTAYTGSITYTAVSTKQGFWEWTSTGYAVGSGTFKSTSIDGIADTGTTLLYLPATVVSAYWAQVS
GAKSSSSVGGYVFPCSATLPSFTFGVGSARIVIPGDYIDFGPISTGSSSCFGGIQSSAGIGINIFGDVALKAAFVVFNGA
TTPTLGFASK
;
_entity_poly.pdbx_strand_id   A
#
loop_
_chem_comp.id
_chem_comp.type
_chem_comp.name
_chem_comp.formula
ACT non-polymer 'ACETATE ION' 'C2 H3 O2 -1'
DMS non-polymer 'DIMETHYL SULFOXIDE' 'C2 H6 O S'
IL4 non-polymer (3~{R},5~{R})-3-[2-[[methyl(propyl)amino]methyl]-1,3-thiazol-4-yl]-5-[3-[4-(trifluoromethyl)phenyl]-1,2,4-oxadiazol-5-yl]pyrrolidin-3-ol 'C21 H24 F3 N5 O2 S'
#
# COMPACT_ATOMS: atom_id res chain seq x y z
N SER A 1 16.40 12.52 -12.32
CA SER A 1 15.02 13.07 -12.23
C SER A 1 14.42 12.71 -10.89
N THR A 2 13.31 13.39 -10.56
CA THR A 2 12.54 13.08 -9.35
C THR A 2 11.06 13.28 -9.68
N GLY A 3 10.20 12.77 -8.78
CA GLY A 3 8.79 13.13 -8.82
C GLY A 3 8.26 13.22 -7.41
N SER A 4 7.16 13.96 -7.24
CA SER A 4 6.56 14.11 -5.91
C SER A 4 5.06 14.30 -6.14
N ALA A 5 4.25 13.45 -5.52
CA ALA A 5 2.80 13.54 -5.68
C ALA A 5 2.15 13.41 -4.31
N THR A 6 1.03 14.10 -4.15
CA THR A 6 0.26 14.01 -2.91
C THR A 6 -0.67 12.81 -3.01
N THR A 7 -0.79 12.08 -1.90
CA THR A 7 -1.71 10.96 -1.80
C THR A 7 -2.76 11.28 -0.73
N THR A 8 -4.01 10.93 -1.00
CA THR A 8 -5.12 11.40 -0.20
C THR A 8 -5.99 10.22 0.24
N PRO A 9 -6.41 10.15 1.52
CA PRO A 9 -7.32 9.06 1.91
C PRO A 9 -8.62 9.14 1.11
N ILE A 10 -9.16 7.96 0.81
CA ILE A 10 -10.40 7.89 0.03
C ILE A 10 -11.63 8.16 0.90
N ASP A 11 -11.51 8.08 2.21
CA ASP A 11 -12.66 8.19 3.08
C ASP A 11 -12.17 8.56 4.46
N SER A 12 -13.12 8.69 5.41
CA SER A 12 -12.78 9.20 6.73
C SER A 12 -12.06 8.17 7.59
N LEU A 13 -11.90 6.94 7.11
CA LEU A 13 -11.24 5.88 7.86
C LEU A 13 -9.83 5.62 7.37
N ASP A 14 -9.37 6.30 6.32
CA ASP A 14 -8.12 5.95 5.67
C ASP A 14 -8.17 4.50 5.16
N ASP A 15 -9.29 4.12 4.50
CA ASP A 15 -9.35 2.74 4.00
C ASP A 15 -8.35 2.49 2.88
N ALA A 16 -7.99 3.51 2.15
CA ALA A 16 -6.99 3.45 1.09
C ALA A 16 -6.60 4.87 0.79
N TYR A 17 -5.57 5.03 -0.02
CA TYR A 17 -5.06 6.33 -0.44
C TYR A 17 -4.98 6.37 -1.96
N ILE A 18 -5.36 7.50 -2.53
CA ILE A 18 -5.28 7.65 -3.96
C ILE A 18 -4.36 8.78 -4.36
N THR A 19 -3.67 8.59 -5.49
CA THR A 19 -2.64 9.51 -5.94
C THR A 19 -2.90 9.79 -7.42
N PRO A 20 -2.92 11.03 -7.86
CA PRO A 20 -3.22 11.29 -9.27
C PRO A 20 -2.05 10.90 -10.15
N VAL A 21 -2.36 10.28 -11.28
CA VAL A 21 -1.37 9.77 -12.23
C VAL A 21 -1.80 10.21 -13.62
N GLN A 22 -0.88 10.80 -14.38
CA GLN A 22 -1.16 11.21 -15.75
C GLN A 22 -0.80 10.09 -16.72
N ILE A 23 -1.75 9.70 -17.56
CA ILE A 23 -1.53 8.63 -18.53
C ILE A 23 -1.88 9.16 -19.91
N GLY A 24 -0.98 8.98 -20.88
CA GLY A 24 -1.29 9.26 -22.26
C GLY A 24 -1.08 10.70 -22.67
N THR A 25 -1.38 10.96 -23.95
CA THR A 25 -1.16 12.29 -24.55
C THR A 25 -2.38 12.64 -25.41
N PRO A 26 -3.12 13.71 -25.11
CA PRO A 26 -2.97 14.56 -23.89
C PRO A 26 -3.20 13.75 -22.63
N ALA A 27 -2.72 14.27 -21.52
CA ALA A 27 -2.83 13.53 -20.25
C ALA A 27 -4.28 13.19 -19.92
N GLN A 28 -4.45 11.98 -19.44
CA GLN A 28 -5.66 11.53 -18.77
C GLN A 28 -5.30 11.26 -17.32
N THR A 29 -5.88 12.00 -16.38
CA THR A 29 -5.50 11.87 -14.99
C THR A 29 -6.44 10.90 -14.30
N LEU A 30 -5.88 9.84 -13.74
CA LEU A 30 -6.64 8.86 -13.00
C LEU A 30 -6.07 8.79 -11.59
N ASN A 31 -6.94 8.53 -10.62
CA ASN A 31 -6.50 8.44 -9.21
C ASN A 31 -6.26 6.99 -8.86
N LEU A 32 -4.99 6.64 -8.69
CA LEU A 32 -4.61 5.25 -8.51
C LEU A 32 -4.22 4.98 -7.05
N ASP A 33 -4.41 3.73 -6.64
CA ASP A 33 -4.00 3.25 -5.32
C ASP A 33 -2.59 2.68 -5.46
N PHE A 34 -1.61 3.41 -4.92
CA PHE A 34 -0.21 2.96 -5.00
C PHE A 34 -0.02 1.81 -4.02
N ASP A 35 0.40 0.65 -4.54
CA ASP A 35 0.35 -0.59 -3.78
C ASP A 35 1.75 -1.22 -3.77
N THR A 36 2.49 -1.04 -2.67
CA THR A 36 3.81 -1.66 -2.57
C THR A 36 3.73 -3.17 -2.35
N GLY A 37 2.54 -3.74 -2.28
CA GLY A 37 2.34 -5.18 -2.22
C GLY A 37 1.93 -5.86 -3.53
N SER A 38 1.95 -5.15 -4.65
CA SER A 38 1.71 -5.79 -5.94
C SER A 38 2.50 -5.04 -7.01
N SER A 39 2.45 -5.57 -8.25
CA SER A 39 3.39 -5.12 -9.26
C SER A 39 2.72 -4.88 -10.61
N ASP A 40 1.41 -4.60 -10.62
CA ASP A 40 0.68 -4.31 -11.84
C ASP A 40 0.16 -2.89 -11.77
N LEU A 41 0.30 -2.14 -12.87
CA LEU A 41 -0.34 -0.84 -13.00
C LEU A 41 -1.55 -1.10 -13.88
N TRP A 42 -2.74 -1.11 -13.28
CA TRP A 42 -3.95 -1.38 -14.06
C TRP A 42 -4.97 -0.30 -13.80
N VAL A 43 -5.82 -0.08 -14.80
CA VAL A 43 -6.80 1.01 -14.76
C VAL A 43 -8.16 0.58 -15.29
N PHE A 44 -9.19 1.18 -14.70
CA PHE A 44 -10.49 1.22 -15.35
C PHE A 44 -10.31 1.89 -16.69
N SER A 45 -11.06 1.42 -17.70
CA SER A 45 -10.78 1.90 -19.05
C SER A 45 -12.05 1.90 -19.88
N SER A 46 -11.90 2.38 -21.11
CA SER A 46 -12.97 2.27 -22.12
C SER A 46 -13.28 0.82 -22.46
N GLU A 47 -12.44 -0.13 -22.07
CA GLU A 47 -12.66 -1.54 -22.34
C GLU A 47 -13.37 -2.24 -21.19
N THR A 48 -13.48 -1.60 -20.03
CA THR A 48 -14.05 -2.27 -18.86
C THR A 48 -15.55 -2.50 -19.08
N THR A 49 -16.00 -3.74 -18.84
CA THR A 49 -17.42 -4.10 -18.93
C THR A 49 -18.28 -3.01 -18.29
N ALA A 50 -19.23 -2.44 -19.05
CA ALA A 50 -19.91 -1.21 -18.62
C ALA A 50 -20.61 -1.39 -17.28
N SER A 51 -21.23 -2.56 -17.06
CA SER A 51 -21.94 -2.78 -15.80
C SER A 51 -21.02 -2.87 -14.60
N GLU A 52 -19.71 -2.94 -14.81
CA GLU A 52 -18.73 -3.01 -13.71
C GLU A 52 -18.08 -1.68 -13.45
N VAL A 53 -18.49 -0.63 -14.14
CA VAL A 53 -17.98 0.72 -13.93
C VAL A 53 -19.08 1.53 -13.24
N ASP A 54 -18.75 2.18 -12.12
CA ASP A 54 -19.74 2.97 -11.33
C ASP A 54 -19.05 4.21 -10.74
N GLY A 55 -18.79 5.16 -11.59
CA GLY A 55 -18.28 6.43 -11.17
C GLY A 55 -16.78 6.62 -11.32
N GLN A 56 -16.03 5.56 -11.64
CA GLN A 56 -14.59 5.74 -11.81
C GLN A 56 -14.28 6.56 -13.06
N THR A 57 -13.14 7.24 -13.04
CA THR A 57 -12.57 7.81 -14.25
C THR A 57 -11.88 6.71 -15.03
N ILE A 58 -12.10 6.72 -16.34
CA ILE A 58 -11.55 5.67 -17.19
C ILE A 58 -10.46 6.19 -18.10
N TYR A 59 -9.48 5.32 -18.37
CA TYR A 59 -8.47 5.55 -19.39
C TYR A 59 -9.03 5.10 -20.74
N THR A 60 -8.89 5.96 -21.74
CA THR A 60 -9.38 5.63 -23.09
C THR A 60 -8.15 5.63 -24.01
N PRO A 61 -7.55 4.48 -24.30
CA PRO A 61 -6.30 4.50 -25.07
C PRO A 61 -6.48 5.07 -26.46
N SER A 62 -7.67 4.89 -27.07
CA SER A 62 -7.91 5.42 -28.41
C SER A 62 -7.83 6.96 -28.47
N LYS A 63 -7.88 7.64 -27.34
CA LYS A 63 -7.73 9.08 -27.31
C LYS A 63 -6.32 9.53 -26.99
N SER A 64 -5.38 8.60 -26.85
CA SER A 64 -3.99 8.95 -26.52
C SER A 64 -3.10 8.72 -27.74
N THR A 65 -2.41 9.78 -28.18
CA THR A 65 -1.55 9.66 -29.36
C THR A 65 -0.32 8.82 -29.10
N THR A 66 0.00 8.53 -27.85
CA THR A 66 1.17 7.76 -27.46
C THR A 66 0.85 6.33 -27.06
N ALA A 67 -0.41 5.97 -27.00
CA ALA A 67 -0.79 4.61 -26.64
C ALA A 67 -0.51 3.62 -27.77
N LYS A 68 -0.03 2.45 -27.41
CA LYS A 68 0.10 1.38 -28.38
C LYS A 68 -0.35 0.09 -27.72
N LEU A 69 -1.14 -0.71 -28.42
CA LEU A 69 -1.52 -2.01 -27.90
C LEU A 69 -0.25 -2.84 -27.73
N LEU A 70 -0.11 -3.54 -26.60
CA LEU A 70 0.98 -4.50 -26.41
C LEU A 70 0.39 -5.82 -26.87
N SER A 71 0.60 -6.11 -28.15
N SER A 71 0.61 -6.13 -28.15
CA SER A 71 -0.21 -7.09 -28.84
CA SER A 71 -0.18 -7.14 -28.82
C SER A 71 -0.03 -8.47 -28.22
C SER A 71 -0.03 -8.47 -28.14
N GLY A 72 -1.15 -9.12 -27.89
CA GLY A 72 -1.14 -10.45 -27.33
C GLY A 72 -0.98 -10.51 -25.84
N ALA A 73 -0.69 -9.40 -25.18
CA ALA A 73 -0.46 -9.45 -23.75
C ALA A 73 -1.79 -9.40 -22.98
N THR A 74 -1.90 -10.23 -21.95
CA THR A 74 -3.06 -10.15 -21.06
C THR A 74 -2.55 -10.18 -19.63
N TRP A 75 -3.46 -9.90 -18.70
CA TRP A 75 -3.09 -9.87 -17.30
C TRP A 75 -4.30 -10.31 -16.50
N SER A 76 -4.03 -10.80 -15.29
CA SER A 76 -5.12 -11.23 -14.42
C SER A 76 -4.53 -11.33 -13.02
N ILE A 77 -5.20 -10.69 -12.06
CA ILE A 77 -4.63 -10.60 -10.72
C ILE A 77 -5.74 -10.76 -9.70
N SER A 78 -5.36 -11.29 -8.55
N SER A 78 -5.36 -11.29 -8.54
CA SER A 78 -6.25 -11.26 -7.41
CA SER A 78 -6.24 -11.36 -7.38
C SER A 78 -5.50 -10.68 -6.23
C SER A 78 -5.51 -10.81 -6.16
N TYR A 79 -6.25 -10.12 -5.31
CA TYR A 79 -5.67 -9.47 -4.15
C TYR A 79 -6.07 -10.23 -2.89
N GLY A 80 -5.40 -9.85 -1.80
CA GLY A 80 -5.56 -10.55 -0.54
C GLY A 80 -6.97 -10.55 0.03
N ASP A 81 -7.82 -9.60 -0.36
CA ASP A 81 -9.21 -9.59 0.08
C ASP A 81 -10.11 -10.43 -0.80
N GLY A 82 -9.57 -11.08 -1.83
CA GLY A 82 -10.44 -11.82 -2.71
C GLY A 82 -10.88 -11.07 -3.94
N SER A 83 -10.54 -9.79 -4.06
N SER A 83 -10.52 -9.79 -4.06
CA SER A 83 -10.91 -9.03 -5.23
CA SER A 83 -10.89 -8.99 -5.23
C SER A 83 -10.02 -9.42 -6.40
C SER A 83 -9.95 -9.29 -6.39
N SER A 84 -10.41 -8.97 -7.59
CA SER A 84 -9.64 -9.35 -8.79
C SER A 84 -10.01 -8.48 -9.96
N SER A 85 -9.14 -8.54 -10.97
CA SER A 85 -9.33 -7.80 -12.21
C SER A 85 -8.49 -8.45 -13.28
N SER A 86 -8.82 -8.16 -14.53
CA SER A 86 -8.05 -8.74 -15.65
C SER A 86 -8.31 -7.95 -16.91
N GLY A 87 -7.45 -8.16 -17.90
CA GLY A 87 -7.65 -7.43 -19.16
C GLY A 87 -6.50 -7.59 -20.11
N ASP A 88 -6.31 -6.56 -20.95
CA ASP A 88 -5.25 -6.52 -21.97
C ASP A 88 -4.32 -5.35 -21.61
N VAL A 89 -3.38 -5.02 -22.50
CA VAL A 89 -2.29 -4.15 -22.09
C VAL A 89 -1.97 -3.18 -23.22
N TYR A 90 -1.75 -1.92 -22.84
CA TYR A 90 -1.19 -0.92 -23.74
C TYR A 90 0.13 -0.46 -23.15
N THR A 91 0.99 0.09 -23.97
CA THR A 91 2.07 0.91 -23.44
C THR A 91 1.72 2.35 -23.67
N ASP A 92 2.12 3.21 -22.73
CA ASP A 92 1.82 4.63 -22.88
C ASP A 92 2.75 5.40 -21.96
N THR A 93 2.70 6.72 -22.08
CA THR A 93 3.48 7.59 -21.23
C THR A 93 2.73 7.77 -19.92
N VAL A 94 3.44 7.57 -18.81
CA VAL A 94 2.84 7.69 -17.48
C VAL A 94 3.71 8.63 -16.66
N SER A 95 3.06 9.60 -16.04
CA SER A 95 3.78 10.54 -15.19
C SER A 95 3.16 10.58 -13.80
N VAL A 96 4.04 10.63 -12.79
CA VAL A 96 3.63 10.73 -11.39
C VAL A 96 4.36 11.92 -10.84
N GLY A 97 3.62 12.98 -10.49
CA GLY A 97 4.27 14.01 -9.75
C GLY A 97 5.39 14.65 -10.51
N GLY A 98 5.31 14.73 -11.85
CA GLY A 98 6.38 15.32 -12.62
C GLY A 98 7.43 14.36 -13.15
N LEU A 99 7.41 13.12 -12.74
CA LEU A 99 8.37 12.11 -13.21
C LEU A 99 7.68 11.28 -14.29
N THR A 100 8.31 11.19 -15.45
CA THR A 100 7.69 10.56 -16.63
C THR A 100 8.43 9.29 -17.03
N VAL A 101 7.66 8.24 -17.30
CA VAL A 101 8.15 7.02 -17.93
C VAL A 101 7.44 6.87 -19.27
N THR A 102 8.21 6.77 -20.34
CA THR A 102 7.61 6.44 -21.63
C THR A 102 7.61 4.92 -21.79
N GLY A 103 6.61 4.42 -22.49
CA GLY A 103 6.52 2.99 -22.73
C GLY A 103 6.13 2.17 -21.52
N GLN A 104 5.49 2.77 -20.52
CA GLN A 104 5.04 2.01 -19.37
C GLN A 104 3.89 1.10 -19.75
N ALA A 105 3.90 -0.14 -19.24
CA ALA A 105 2.76 -1.01 -19.44
C ALA A 105 1.59 -0.53 -18.58
N VAL A 106 0.49 -0.18 -19.23
CA VAL A 106 -0.77 0.24 -18.62
C VAL A 106 -1.75 -0.90 -18.90
N GLU A 107 -2.13 -1.61 -17.85
CA GLU A 107 -2.97 -2.79 -17.99
C GLU A 107 -4.42 -2.31 -17.94
N SER A 108 -5.13 -2.49 -19.04
CA SER A 108 -6.50 -2.00 -19.19
C SER A 108 -7.47 -3.07 -18.73
N ALA A 109 -8.32 -2.75 -17.74
CA ALA A 109 -9.26 -3.77 -17.24
C ALA A 109 -10.36 -4.02 -18.25
N LYS A 110 -10.58 -5.28 -18.55
CA LYS A 110 -11.83 -5.67 -19.18
C LYS A 110 -12.86 -6.08 -18.14
N LYS A 111 -12.42 -6.63 -17.01
CA LYS A 111 -13.30 -7.12 -15.96
C LYS A 111 -12.70 -6.73 -14.63
N VAL A 112 -13.56 -6.30 -13.70
CA VAL A 112 -13.17 -6.03 -12.32
C VAL A 112 -14.21 -6.67 -11.41
N SER A 113 -13.78 -7.08 -10.24
CA SER A 113 -14.72 -7.67 -9.28
C SER A 113 -15.51 -6.58 -8.55
N SER A 114 -16.51 -7.03 -7.79
CA SER A 114 -17.51 -6.11 -7.24
C SER A 114 -16.90 -5.07 -6.31
N SER A 115 -15.90 -5.44 -5.53
CA SER A 115 -15.33 -4.48 -4.60
C SER A 115 -14.69 -3.32 -5.33
N PHE A 116 -14.11 -3.56 -6.52
CA PHE A 116 -13.57 -2.45 -7.30
C PHE A 116 -14.72 -1.59 -7.82
N THR A 117 -15.72 -2.22 -8.43
CA THR A 117 -16.87 -1.44 -8.93
C THR A 117 -17.45 -0.52 -7.87
N GLU A 118 -17.58 -1.07 -6.65
CA GLU A 118 -18.20 -0.39 -5.54
C GLU A 118 -17.36 0.76 -5.00
N ASP A 119 -16.07 0.81 -5.30
CA ASP A 119 -15.24 1.90 -4.82
C ASP A 119 -15.06 2.91 -5.95
N SER A 120 -15.94 3.92 -5.98
CA SER A 120 -15.91 4.88 -7.08
C SER A 120 -14.70 5.78 -7.03
N THR A 121 -13.97 5.82 -5.91
CA THR A 121 -12.83 6.73 -5.77
C THR A 121 -11.52 6.15 -6.31
N ILE A 122 -11.43 4.86 -6.57
CA ILE A 122 -10.19 4.20 -6.99
C ILE A 122 -10.30 3.86 -8.46
N ASP A 123 -9.49 4.50 -9.29
CA ASP A 123 -9.56 4.31 -10.74
C ASP A 123 -8.61 3.22 -11.22
N GLY A 124 -7.88 2.59 -10.29
CA GLY A 124 -6.96 1.51 -10.62
C GLY A 124 -5.86 1.48 -9.59
N LEU A 125 -4.86 0.66 -9.84
CA LEU A 125 -3.76 0.42 -8.92
C LEU A 125 -2.45 0.71 -9.64
N LEU A 126 -1.45 1.17 -8.88
CA LEU A 126 -0.10 1.31 -9.40
C LEU A 126 0.80 0.51 -8.48
N GLY A 127 1.25 -0.64 -8.96
CA GLY A 127 2.03 -1.58 -8.14
C GLY A 127 3.48 -1.12 -8.01
N LEU A 128 4.03 -1.27 -6.79
CA LEU A 128 5.38 -0.82 -6.46
C LEU A 128 6.15 -1.92 -5.76
N ALA A 129 5.65 -3.16 -5.75
CA ALA A 129 6.48 -4.29 -5.36
C ALA A 129 7.45 -4.63 -6.50
N PHE A 130 8.16 -5.75 -6.38
CA PHE A 130 9.17 -6.07 -7.38
C PHE A 130 8.52 -6.63 -8.64
N SER A 131 9.16 -6.34 -9.78
CA SER A 131 8.52 -6.67 -11.06
C SER A 131 8.35 -8.17 -11.27
N THR A 132 9.06 -9.01 -10.52
CA THR A 132 8.86 -10.44 -10.59
C THR A 132 7.44 -10.85 -10.26
N LEU A 133 6.64 -10.00 -9.60
CA LEU A 133 5.23 -10.34 -9.32
C LEU A 133 4.29 -9.86 -10.41
N ASN A 134 4.77 -9.14 -11.43
CA ASN A 134 3.86 -8.62 -12.43
C ASN A 134 3.17 -9.76 -13.17
N THR A 135 1.87 -9.61 -13.44
CA THR A 135 1.07 -10.71 -13.97
C THR A 135 0.97 -10.73 -15.49
N VAL A 136 1.57 -9.80 -16.21
CA VAL A 136 1.37 -9.75 -17.66
C VAL A 136 2.01 -10.95 -18.31
N SER A 137 1.26 -11.60 -19.21
CA SER A 137 1.70 -12.76 -19.96
C SER A 137 1.47 -12.50 -21.44
N PRO A 138 2.34 -12.98 -22.33
CA PRO A 138 3.46 -13.90 -22.07
C PRO A 138 4.75 -13.17 -21.76
N THR A 139 4.76 -11.83 -21.79
CA THR A 139 5.98 -11.05 -21.57
C THR A 139 5.76 -10.23 -20.31
N GLN A 140 6.36 -10.63 -19.21
CA GLN A 140 6.16 -9.93 -17.94
C GLN A 140 6.68 -8.51 -18.05
N GLN A 141 5.97 -7.59 -17.41
CA GLN A 141 6.27 -6.17 -17.52
C GLN A 141 6.84 -5.60 -16.22
N LYS A 142 7.51 -4.46 -16.37
CA LYS A 142 8.13 -3.79 -15.24
C LYS A 142 7.20 -2.76 -14.58
N THR A 143 7.37 -2.57 -13.27
CA THR A 143 6.62 -1.52 -12.58
C THR A 143 7.09 -0.14 -13.00
N PHE A 144 6.26 0.85 -12.67
CA PHE A 144 6.63 2.23 -12.93
C PHE A 144 7.96 2.58 -12.26
N PHE A 145 8.16 2.14 -11.00
CA PHE A 145 9.41 2.42 -10.29
C PHE A 145 10.59 1.73 -10.97
N ASP A 146 10.43 0.47 -11.36
CA ASP A 146 11.51 -0.24 -12.02
C ASP A 146 11.88 0.45 -13.33
N ASN A 147 10.87 0.89 -14.10
CA ASN A 147 11.16 1.61 -15.34
C ASN A 147 11.82 2.96 -15.07
N ALA A 148 11.43 3.66 -14.02
CA ALA A 148 12.01 4.97 -13.75
C ALA A 148 13.39 4.92 -13.12
N LYS A 149 13.74 3.79 -12.51
CA LYS A 149 14.82 3.74 -11.53
C LYS A 149 16.12 4.28 -12.08
N ALA A 150 16.49 3.87 -13.30
CA ALA A 150 17.81 4.26 -13.81
C ALA A 150 17.90 5.76 -14.05
N SER A 151 16.75 6.42 -14.23
N SER A 151 16.76 6.44 -14.27
CA SER A 151 16.72 7.87 -14.48
CA SER A 151 16.76 7.88 -14.49
C SER A 151 16.66 8.69 -13.21
C SER A 151 16.70 8.69 -13.20
N LEU A 152 16.35 8.07 -12.09
CA LEU A 152 16.14 8.81 -10.85
C LEU A 152 17.48 9.28 -10.28
N ASP A 153 17.42 10.38 -9.52
CA ASP A 153 18.62 10.84 -8.83
C ASP A 153 19.17 9.80 -7.88
N SER A 154 18.30 9.07 -7.19
N SER A 154 18.30 9.11 -7.16
CA SER A 154 18.65 8.00 -6.29
CA SER A 154 18.63 7.96 -6.33
C SER A 154 17.57 6.95 -6.51
C SER A 154 17.56 6.91 -6.53
N PRO A 155 17.92 5.65 -6.46
CA PRO A 155 16.95 4.60 -6.86
C PRO A 155 16.00 4.24 -5.74
N VAL A 156 15.17 5.20 -5.32
CA VAL A 156 14.34 5.08 -4.12
C VAL A 156 12.99 5.71 -4.39
N PHE A 157 12.00 5.28 -3.62
CA PHE A 157 10.79 6.08 -3.46
C PHE A 157 10.46 6.08 -1.98
N THR A 158 9.67 7.06 -1.56
CA THR A 158 9.31 7.14 -0.15
C THR A 158 7.81 7.29 -0.02
N ALA A 159 7.28 6.71 1.06
CA ALA A 159 5.86 6.79 1.41
C ALA A 159 5.72 7.55 2.71
N ASP A 160 4.95 8.61 2.70
CA ASP A 160 4.71 9.44 3.89
C ASP A 160 3.21 9.60 3.98
N LEU A 161 2.53 8.56 4.50
CA LEU A 161 1.08 8.57 4.52
C LEU A 161 0.56 9.35 5.71
N GLY A 162 -0.57 10.05 5.50
CA GLY A 162 -1.18 10.80 6.58
C GLY A 162 -2.20 10.02 7.36
N TYR A 163 -2.43 10.45 8.58
CA TYR A 163 -3.50 9.92 9.41
C TYR A 163 -4.68 10.87 9.25
N HIS A 164 -5.72 10.40 8.58
CA HIS A 164 -6.92 11.21 8.30
C HIS A 164 -6.50 12.53 7.64
N ALA A 165 -5.51 12.45 6.75
CA ALA A 165 -4.95 13.64 6.14
C ALA A 165 -4.15 13.20 4.92
N PRO A 166 -3.89 14.11 3.98
CA PRO A 166 -3.05 13.76 2.84
C PRO A 166 -1.61 13.54 3.26
N GLY A 167 -0.87 12.94 2.34
CA GLY A 167 0.55 12.64 2.51
C GLY A 167 1.24 12.71 1.17
N THR A 168 2.40 12.08 1.07
CA THR A 168 3.25 12.28 -0.10
C THR A 168 3.93 10.98 -0.50
N TYR A 169 3.97 10.74 -1.83
CA TYR A 169 4.91 9.79 -2.43
C TYR A 169 5.97 10.57 -3.19
N ASN A 170 7.25 10.33 -2.83
CA ASN A 170 8.35 10.92 -3.59
C ASN A 170 9.12 9.83 -4.29
N PHE A 171 9.64 10.18 -5.47
CA PHE A 171 10.48 9.28 -6.25
C PHE A 171 11.80 9.95 -6.49
N GLY A 172 12.88 9.23 -6.17
CA GLY A 172 14.23 9.66 -6.54
C GLY A 172 14.96 10.49 -5.54
N PHE A 173 14.35 10.84 -4.41
CA PHE A 173 15.03 11.63 -3.41
C PHE A 173 14.37 11.40 -2.06
N ILE A 174 15.13 11.68 -1.02
CA ILE A 174 14.69 11.61 0.36
C ILE A 174 14.51 13.06 0.87
N ASP A 175 13.28 13.41 1.26
CA ASP A 175 12.98 14.74 1.80
C ASP A 175 13.37 14.74 3.26
N THR A 176 14.52 15.34 3.57
CA THR A 176 15.03 15.33 4.93
C THR A 176 14.24 16.22 5.87
N THR A 177 13.30 17.01 5.37
CA THR A 177 12.43 17.80 6.23
C THR A 177 11.19 17.03 6.65
N ALA A 178 10.99 15.81 6.14
CA ALA A 178 9.71 15.12 6.31
C ALA A 178 9.69 14.18 7.49
N TYR A 179 10.79 14.06 8.23
CA TYR A 179 10.81 13.11 9.35
C TYR A 179 11.65 13.70 10.46
N THR A 180 11.50 13.13 11.65
CA THR A 180 12.32 13.50 12.80
C THR A 180 13.39 12.44 13.02
N GLY A 181 14.47 12.83 13.69
CA GLY A 181 15.52 11.86 14.03
C GLY A 181 16.15 11.30 12.76
N SER A 182 16.58 10.04 12.85
N SER A 182 16.59 10.06 12.86
CA SER A 182 17.28 9.38 11.76
CA SER A 182 17.28 9.38 11.76
C SER A 182 16.43 8.25 11.17
C SER A 182 16.37 8.32 11.15
N ILE A 183 16.71 7.92 9.92
CA ILE A 183 16.06 6.80 9.24
C ILE A 183 16.85 5.56 9.60
N THR A 184 16.18 4.55 10.14
CA THR A 184 16.83 3.25 10.36
C THR A 184 16.55 2.33 9.18
N TYR A 185 17.62 1.85 8.52
CA TYR A 185 17.48 0.93 7.41
C TYR A 185 17.60 -0.52 7.86
N THR A 186 16.84 -1.37 7.20
CA THR A 186 16.76 -2.78 7.52
C THR A 186 16.72 -3.60 6.23
N ALA A 187 17.27 -4.80 6.31
CA ALA A 187 17.44 -5.62 5.11
C ALA A 187 16.11 -6.08 4.53
N VAL A 188 16.05 -6.19 3.21
CA VAL A 188 14.87 -6.67 2.49
C VAL A 188 15.20 -7.99 1.80
N SER A 189 14.26 -8.94 1.87
CA SER A 189 14.30 -10.12 1.02
C SER A 189 13.34 -9.91 -0.14
N THR A 190 13.81 -10.14 -1.35
CA THR A 190 12.93 -10.05 -2.52
C THR A 190 12.47 -11.43 -2.97
N LYS A 191 12.71 -12.47 -2.17
CA LYS A 191 12.46 -13.83 -2.63
C LYS A 191 11.00 -14.08 -2.98
N GLN A 192 10.07 -13.41 -2.31
CA GLN A 192 8.65 -13.57 -2.63
C GLN A 192 8.11 -12.40 -3.44
N GLY A 193 8.99 -11.49 -3.88
CA GLY A 193 8.58 -10.37 -4.70
C GLY A 193 8.10 -9.17 -3.94
N PHE A 194 8.13 -9.22 -2.61
CA PHE A 194 7.62 -8.13 -1.78
C PHE A 194 8.77 -7.36 -1.14
N TRP A 195 8.41 -6.23 -0.52
CA TRP A 195 9.32 -5.49 0.37
C TRP A 195 9.25 -6.16 1.72
N GLU A 196 9.92 -7.31 1.82
CA GLU A 196 9.82 -8.16 2.98
C GLU A 196 11.00 -7.94 3.90
N TRP A 197 10.72 -7.82 5.18
CA TRP A 197 11.73 -7.42 6.15
C TRP A 197 11.37 -8.08 7.47
N THR A 198 12.23 -7.91 8.49
CA THR A 198 12.01 -8.55 9.78
C THR A 198 12.01 -7.48 10.86
N SER A 199 10.86 -7.23 11.46
CA SER A 199 10.80 -6.37 12.63
C SER A 199 11.41 -7.07 13.84
N THR A 200 11.98 -6.25 14.74
CA THR A 200 12.71 -6.77 15.90
C THR A 200 11.84 -6.91 17.13
N GLY A 201 10.55 -6.56 17.06
CA GLY A 201 9.68 -6.86 18.21
C GLY A 201 8.61 -5.80 18.37
N TYR A 202 8.00 -5.77 19.54
CA TYR A 202 6.85 -4.89 19.71
C TYR A 202 6.64 -4.54 21.17
N ALA A 203 5.88 -3.47 21.39
CA ALA A 203 5.38 -3.14 22.74
C ALA A 203 3.93 -2.71 22.62
N VAL A 204 3.17 -2.92 23.69
CA VAL A 204 1.78 -2.43 23.76
C VAL A 204 1.69 -1.29 24.74
N GLY A 205 1.19 -0.14 24.31
CA GLY A 205 1.06 1.00 25.19
C GLY A 205 2.39 1.34 25.82
N SER A 206 2.37 1.54 27.13
N SER A 206 2.38 1.55 27.14
CA SER A 206 3.55 1.87 27.91
CA SER A 206 3.59 1.89 27.89
C SER A 206 4.34 0.65 28.34
C SER A 206 4.35 0.66 28.35
N GLY A 207 4.04 -0.52 27.80
CA GLY A 207 4.66 -1.73 28.26
C GLY A 207 6.09 -1.87 27.78
N THR A 208 6.79 -2.81 28.40
CA THR A 208 8.16 -3.03 27.96
C THR A 208 8.17 -3.70 26.60
N PHE A 209 9.29 -3.58 25.92
CA PHE A 209 9.42 -4.07 24.56
C PHE A 209 9.73 -5.56 24.60
N LYS A 210 9.02 -6.32 23.77
CA LYS A 210 9.26 -7.75 23.57
C LYS A 210 10.12 -7.94 22.33
N SER A 211 11.36 -8.40 22.53
N SER A 211 11.34 -8.44 22.53
CA SER A 211 12.24 -8.69 21.41
CA SER A 211 12.27 -8.70 21.43
C SER A 211 11.84 -10.01 20.78
C SER A 211 11.91 -10.02 20.77
N THR A 212 11.47 -9.97 19.51
CA THR A 212 11.05 -11.14 18.78
C THR A 212 11.03 -10.79 17.31
N SER A 213 11.52 -11.71 16.48
CA SER A 213 11.58 -11.47 15.04
C SER A 213 10.21 -11.67 14.42
N ILE A 214 9.76 -10.66 13.66
CA ILE A 214 8.46 -10.71 12.96
C ILE A 214 8.72 -10.40 11.49
N ASP A 215 8.76 -11.45 10.67
N ASP A 215 8.71 -11.44 10.66
CA ASP A 215 8.90 -11.28 9.23
CA ASP A 215 8.91 -11.26 9.22
C ASP A 215 7.59 -10.68 8.71
C ASP A 215 7.61 -10.79 8.58
N GLY A 216 7.69 -9.71 7.81
CA GLY A 216 6.46 -9.25 7.18
C GLY A 216 6.77 -8.37 6.00
N ILE A 217 5.72 -7.81 5.38
CA ILE A 217 5.92 -7.00 4.20
C ILE A 217 5.44 -5.58 4.46
N ALA A 218 6.11 -4.61 3.83
CA ALA A 218 5.67 -3.22 3.91
C ALA A 218 4.71 -3.03 2.73
N ASP A 219 3.42 -2.85 3.01
CA ASP A 219 2.40 -2.88 1.97
C ASP A 219 1.47 -1.67 2.08
N THR A 220 1.71 -0.66 1.25
CA THR A 220 0.83 0.49 1.26
C THR A 220 -0.57 0.21 0.75
N GLY A 221 -0.78 -0.91 0.05
CA GLY A 221 -2.08 -1.23 -0.48
C GLY A 221 -2.92 -2.01 0.51
N THR A 222 -2.44 -2.34 1.70
CA THR A 222 -3.24 -3.00 2.73
C THR A 222 -3.58 -1.98 3.79
N THR A 223 -4.83 -1.94 4.21
CA THR A 223 -5.30 -0.91 5.13
C THR A 223 -4.72 -1.09 6.53
N LEU A 224 -4.74 -2.31 7.03
CA LEU A 224 -4.52 -2.58 8.45
C LEU A 224 -3.15 -3.22 8.70
N LEU A 225 -2.86 -3.47 9.98
CA LEU A 225 -1.62 -4.09 10.44
C LEU A 225 -1.98 -5.53 10.82
N TYR A 226 -1.41 -6.49 10.10
CA TYR A 226 -1.71 -7.92 10.33
C TYR A 226 -0.47 -8.59 10.90
N LEU A 227 -0.60 -9.11 12.13
CA LEU A 227 0.55 -9.64 12.87
C LEU A 227 0.19 -10.99 13.45
N PRO A 228 1.17 -11.74 13.96
CA PRO A 228 0.83 -13.08 14.50
C PRO A 228 -0.21 -13.02 15.61
N ALA A 229 -0.99 -14.10 15.72
CA ALA A 229 -2.11 -14.14 16.67
C ALA A 229 -1.65 -13.89 18.09
N THR A 230 -0.44 -14.32 18.44
CA THR A 230 0.10 -14.09 19.78
C THR A 230 0.22 -12.60 20.07
N VAL A 231 0.79 -11.87 19.12
CA VAL A 231 1.03 -10.42 19.29
C VAL A 231 -0.30 -9.70 19.32
N VAL A 232 -1.22 -10.07 18.42
CA VAL A 232 -2.50 -9.36 18.34
C VAL A 232 -3.33 -9.62 19.60
N SER A 233 -3.32 -10.84 20.13
CA SER A 233 -4.03 -11.11 21.39
C SER A 233 -3.45 -10.31 22.53
N ALA A 234 -2.10 -10.18 22.60
CA ALA A 234 -1.48 -9.38 23.67
C ALA A 234 -1.91 -7.93 23.57
N TYR A 235 -2.08 -7.40 22.35
CA TYR A 235 -2.56 -6.04 22.22
C TYR A 235 -4.00 -5.90 22.72
N TRP A 236 -4.94 -6.71 22.16
CA TRP A 236 -6.35 -6.51 22.44
C TRP A 236 -6.72 -6.89 23.88
N ALA A 237 -5.91 -7.71 24.54
CA ALA A 237 -6.11 -8.02 25.94
C ALA A 237 -6.04 -6.77 26.81
N GLN A 238 -5.45 -5.69 26.33
CA GLN A 238 -5.34 -4.46 27.09
C GLN A 238 -6.56 -3.57 26.93
N VAL A 239 -7.53 -3.96 26.09
CA VAL A 239 -8.71 -3.13 25.80
C VAL A 239 -9.92 -3.85 26.38
N SER A 240 -10.56 -3.26 27.39
N SER A 240 -10.56 -3.27 27.41
CA SER A 240 -11.72 -3.89 28.03
CA SER A 240 -11.69 -3.95 28.05
C SER A 240 -12.82 -4.13 27.00
C SER A 240 -12.82 -4.14 27.05
N GLY A 241 -13.30 -5.39 26.95
CA GLY A 241 -14.39 -5.71 26.07
C GLY A 241 -13.96 -6.05 24.66
N ALA A 242 -12.67 -5.98 24.32
CA ALA A 242 -12.27 -6.34 22.96
C ALA A 242 -12.29 -7.84 22.79
N LYS A 243 -12.67 -8.28 21.59
CA LYS A 243 -12.77 -9.71 21.36
C LYS A 243 -12.67 -9.95 19.86
N SER A 244 -12.30 -11.17 19.51
CA SER A 244 -12.32 -11.56 18.11
C SER A 244 -13.69 -12.11 17.77
N SER A 245 -14.28 -11.54 16.72
CA SER A 245 -15.61 -11.88 16.25
C SER A 245 -15.49 -12.62 14.94
N SER A 246 -15.89 -13.89 14.93
CA SER A 246 -15.93 -14.62 13.67
C SER A 246 -17.00 -14.05 12.72
N SER A 247 -18.09 -13.51 13.26
CA SER A 247 -19.10 -12.93 12.38
C SER A 247 -18.65 -11.64 11.73
N VAL A 248 -17.86 -10.82 12.43
CA VAL A 248 -17.44 -9.58 11.83
C VAL A 248 -16.19 -9.80 10.98
N GLY A 249 -15.37 -10.77 11.35
CA GLY A 249 -14.13 -11.01 10.65
C GLY A 249 -12.88 -10.48 11.30
N GLY A 250 -12.85 -10.28 12.60
CA GLY A 250 -11.64 -9.88 13.28
C GLY A 250 -11.98 -9.31 14.64
N TYR A 251 -10.97 -8.70 15.22
CA TYR A 251 -11.09 -8.07 16.51
C TYR A 251 -11.95 -6.82 16.42
N VAL A 252 -12.87 -6.72 17.37
CA VAL A 252 -13.72 -5.54 17.56
C VAL A 252 -13.55 -5.11 19.01
N PHE A 253 -13.92 -3.87 19.28
CA PHE A 253 -13.74 -3.32 20.61
C PHE A 253 -14.82 -2.29 20.86
N PRO A 254 -15.13 -1.98 22.11
CA PRO A 254 -16.19 -1.01 22.38
C PRO A 254 -15.78 0.34 21.87
N CYS A 255 -16.70 1.02 21.18
CA CYS A 255 -16.33 2.33 20.68
C CYS A 255 -16.10 3.33 21.80
N SER A 256 -16.51 3.00 23.02
CA SER A 256 -16.24 3.87 24.16
C SER A 256 -14.79 3.80 24.63
N ALA A 257 -13.96 2.90 24.10
CA ALA A 257 -12.59 2.72 24.57
C ALA A 257 -11.67 3.76 23.97
N THR A 258 -10.63 4.10 24.72
CA THR A 258 -9.41 4.77 24.23
C THR A 258 -8.35 3.69 24.08
N LEU A 259 -7.76 3.58 22.93
CA LEU A 259 -6.85 2.48 22.61
C LEU A 259 -5.43 2.79 23.02
N PRO A 260 -4.69 1.79 23.45
CA PRO A 260 -3.25 1.96 23.65
C PRO A 260 -2.50 2.06 22.33
N SER A 261 -1.35 2.69 22.38
CA SER A 261 -0.47 2.69 21.23
C SER A 261 0.12 1.29 20.99
N PHE A 262 0.77 1.14 19.85
CA PHE A 262 1.48 -0.08 19.51
C PHE A 262 2.82 0.29 18.91
N THR A 263 3.89 -0.27 19.46
CA THR A 263 5.24 0.03 18.98
C THR A 263 5.79 -1.18 18.24
N PHE A 264 6.42 -0.93 17.10
CA PHE A 264 7.15 -2.01 16.42
C PHE A 264 8.62 -1.64 16.27
N GLY A 265 9.46 -2.67 16.32
CA GLY A 265 10.91 -2.46 16.20
C GLY A 265 11.41 -2.48 14.75
N VAL A 266 12.31 -1.54 14.44
CA VAL A 266 13.08 -1.55 13.20
C VAL A 266 14.54 -1.52 13.63
N GLY A 267 15.20 -2.67 13.55
CA GLY A 267 16.53 -2.73 14.16
C GLY A 267 16.43 -2.31 15.61
N SER A 268 17.34 -1.43 16.03
N SER A 268 17.34 -1.44 16.05
CA SER A 268 17.32 -0.92 17.40
CA SER A 268 17.30 -0.93 17.42
C SER A 268 16.31 0.20 17.59
C SER A 268 16.41 0.30 17.57
N ALA A 269 15.72 0.71 16.52
CA ALA A 269 14.82 1.83 16.60
C ALA A 269 13.37 1.36 16.80
N ARG A 270 12.49 2.33 17.04
CA ARG A 270 11.09 2.01 17.38
C ARG A 270 10.20 2.97 16.64
N ILE A 271 9.11 2.45 16.09
CA ILE A 271 8.05 3.28 15.53
C ILE A 271 6.82 3.10 16.40
N VAL A 272 6.24 4.21 16.86
CA VAL A 272 5.07 4.17 17.74
C VAL A 272 3.84 4.56 16.96
N ILE A 273 2.88 3.61 16.90
CA ILE A 273 1.59 3.83 16.27
C ILE A 273 0.63 4.35 17.35
N PRO A 274 0.17 5.59 17.28
CA PRO A 274 -0.77 6.08 18.32
C PRO A 274 -2.03 5.24 18.33
N GLY A 275 -2.62 5.10 19.53
CA GLY A 275 -3.84 4.32 19.64
C GLY A 275 -4.95 4.77 18.71
N ASP A 276 -5.06 6.08 18.45
CA ASP A 276 -6.16 6.48 17.60
C ASP A 276 -6.02 5.91 16.19
N TYR A 277 -4.80 5.63 15.75
CA TYR A 277 -4.58 5.10 14.41
C TYR A 277 -5.17 3.69 14.28
N ILE A 278 -5.44 3.03 15.41
CA ILE A 278 -5.90 1.65 15.45
C ILE A 278 -7.43 1.59 15.47
N ASP A 279 -8.08 2.74 15.53
CA ASP A 279 -9.55 2.79 15.56
C ASP A 279 -10.12 2.97 14.15
N PHE A 280 -10.81 1.93 13.67
CA PHE A 280 -11.46 1.98 12.36
C PHE A 280 -12.97 2.19 12.46
N GLY A 281 -13.46 2.58 13.63
CA GLY A 281 -14.81 3.08 13.73
C GLY A 281 -15.85 1.98 13.77
N PRO A 282 -17.10 2.41 13.83
CA PRO A 282 -18.21 1.45 13.96
C PRO A 282 -18.22 0.40 12.86
N ILE A 283 -18.54 -0.85 13.25
CA ILE A 283 -18.55 -1.95 12.27
C ILE A 283 -19.62 -1.74 11.21
N SER A 284 -20.67 -0.99 11.55
CA SER A 284 -21.78 -0.59 10.68
C SER A 284 -22.28 0.73 11.25
N THR A 285 -22.93 1.56 10.42
CA THR A 285 -23.34 2.87 10.88
C THR A 285 -24.18 2.79 12.16
N GLY A 286 -23.82 3.57 13.14
CA GLY A 286 -24.53 3.62 14.39
C GLY A 286 -24.15 2.58 15.39
N SER A 287 -23.29 1.63 15.03
CA SER A 287 -22.93 0.60 15.99
C SER A 287 -21.97 1.11 17.05
N SER A 288 -22.11 0.57 18.25
CA SER A 288 -21.13 0.86 19.30
C SER A 288 -19.99 -0.15 19.35
N SER A 289 -19.92 -1.09 18.41
CA SER A 289 -18.76 -1.96 18.26
C SER A 289 -17.89 -1.42 17.14
N CYS A 290 -16.61 -1.24 17.45
CA CYS A 290 -15.67 -0.63 16.53
C CYS A 290 -14.70 -1.68 15.99
N PHE A 291 -14.21 -1.47 14.79
CA PHE A 291 -13.33 -2.46 14.18
C PHE A 291 -11.86 -2.11 14.47
N GLY A 292 -11.08 -3.10 14.89
CA GLY A 292 -9.68 -2.84 15.23
C GLY A 292 -8.76 -2.72 14.01
N GLY A 293 -7.73 -1.91 14.18
CA GLY A 293 -6.75 -1.72 13.12
C GLY A 293 -5.58 -2.66 13.15
N ILE A 294 -5.48 -3.48 14.20
CA ILE A 294 -4.50 -4.53 14.31
C ILE A 294 -5.28 -5.84 14.28
N GLN A 295 -4.89 -6.73 13.40
CA GLN A 295 -5.65 -7.97 13.18
C GLN A 295 -4.67 -9.11 13.03
N SER A 296 -5.16 -10.32 13.25
CA SER A 296 -4.29 -11.49 13.08
C SER A 296 -3.98 -11.77 11.63
N SER A 297 -2.72 -12.18 11.38
CA SER A 297 -2.32 -12.64 10.07
C SER A 297 -2.56 -14.13 9.88
N ALA A 298 -3.07 -14.82 10.89
CA ALA A 298 -3.20 -16.27 10.78
C ALA A 298 -4.14 -16.61 9.63
N GLY A 299 -3.71 -17.48 8.76
CA GLY A 299 -4.57 -17.66 7.61
C GLY A 299 -4.34 -16.74 6.41
N ILE A 300 -3.57 -15.65 6.54
CA ILE A 300 -3.06 -14.94 5.38
C ILE A 300 -1.79 -15.57 4.88
N GLY A 301 -0.98 -16.10 5.79
CA GLY A 301 0.26 -16.70 5.40
C GLY A 301 1.45 -15.77 5.49
N ILE A 302 1.24 -14.49 5.80
CA ILE A 302 2.31 -13.49 5.85
C ILE A 302 1.84 -12.37 6.76
N ASN A 303 2.79 -11.77 7.51
CA ASN A 303 2.46 -10.59 8.29
C ASN A 303 2.54 -9.38 7.36
N ILE A 304 1.64 -8.43 7.59
CA ILE A 304 1.57 -7.29 6.69
C ILE A 304 1.60 -6.00 7.50
N PHE A 305 2.63 -5.19 7.25
CA PHE A 305 2.73 -3.85 7.81
C PHE A 305 2.03 -2.97 6.78
N GLY A 306 0.70 -2.87 6.93
CA GLY A 306 -0.14 -2.07 6.06
C GLY A 306 -0.19 -0.62 6.56
N ASP A 307 -1.18 0.12 6.08
CA ASP A 307 -1.21 1.56 6.28
C ASP A 307 -1.22 1.96 7.75
N VAL A 308 -1.90 1.20 8.62
CA VAL A 308 -1.93 1.52 10.05
C VAL A 308 -0.52 1.68 10.59
N ALA A 309 0.40 0.80 10.18
CA ALA A 309 1.79 0.91 10.61
C ALA A 309 2.55 1.96 9.80
N LEU A 310 2.43 1.90 8.46
CA LEU A 310 3.26 2.76 7.63
C LEU A 310 2.95 4.22 7.85
N LYS A 311 1.68 4.57 8.13
CA LYS A 311 1.37 5.99 8.26
C LYS A 311 1.94 6.59 9.54
N ALA A 312 2.41 5.77 10.49
CA ALA A 312 3.11 6.28 11.64
C ALA A 312 4.56 6.63 11.34
N ALA A 313 5.04 6.40 10.12
CA ALA A 313 6.47 6.53 9.82
C ALA A 313 6.66 7.22 8.49
N PHE A 314 7.87 7.71 8.29
CA PHE A 314 8.38 8.06 6.97
C PHE A 314 9.14 6.84 6.48
N VAL A 315 8.74 6.28 5.32
CA VAL A 315 9.24 4.98 4.90
C VAL A 315 9.99 5.12 3.57
N VAL A 316 11.22 4.61 3.53
CA VAL A 316 12.06 4.64 2.33
C VAL A 316 12.07 3.24 1.74
N PHE A 317 11.69 3.15 0.47
CA PHE A 317 11.76 1.91 -0.29
C PHE A 317 12.99 2.07 -1.18
N ASN A 318 14.10 1.48 -0.73
CA ASN A 318 15.37 1.67 -1.42
C ASN A 318 15.57 0.52 -2.40
N GLY A 319 15.49 0.86 -3.71
CA GLY A 319 15.60 -0.13 -4.77
C GLY A 319 16.98 -0.21 -5.40
N ALA A 320 18.01 0.11 -4.61
CA ALA A 320 19.39 -0.14 -5.01
C ALA A 320 19.61 -1.61 -5.26
N THR A 321 20.80 -1.91 -5.77
CA THR A 321 21.15 -3.29 -6.12
C THR A 321 20.89 -4.24 -4.96
N THR A 322 21.22 -3.83 -3.72
CA THR A 322 20.79 -4.54 -2.53
C THR A 322 19.65 -3.73 -1.92
N PRO A 323 18.41 -4.13 -2.09
CA PRO A 323 17.30 -3.31 -1.59
C PRO A 323 17.21 -3.31 -0.07
N THR A 324 16.74 -2.20 0.46
CA THR A 324 16.50 -2.10 1.90
C THR A 324 15.28 -1.24 2.13
N LEU A 325 14.79 -1.27 3.37
CA LEU A 325 13.68 -0.40 3.77
C LEU A 325 14.18 0.49 4.89
N GLY A 326 13.78 1.73 4.88
CA GLY A 326 14.12 2.67 5.93
C GLY A 326 12.86 3.16 6.62
N PHE A 327 12.91 3.27 7.94
CA PHE A 327 11.81 3.85 8.71
C PHE A 327 12.34 4.96 9.60
N ALA A 328 11.60 6.09 9.64
CA ALA A 328 11.86 7.17 10.58
C ALA A 328 10.54 7.58 11.22
N SER A 329 10.62 8.05 12.45
N SER A 329 10.61 8.05 12.45
CA SER A 329 9.49 8.69 13.09
CA SER A 329 9.46 8.68 13.07
C SER A 329 9.21 10.02 12.40
C SER A 329 9.21 10.02 12.40
N LYS A 330 8.02 10.56 12.63
CA LYS A 330 7.69 11.84 12.03
C LYS A 330 6.66 12.60 12.85
S DMS B . -7.62 -3.85 2.06
O DMS B . -6.47 -3.97 2.98
C1 DMS B . -7.59 -5.22 0.88
C2 DMS B . -7.26 -2.53 0.89
C10 IL4 C . -2.26 -7.53 -1.52
C12 IL4 C . -1.28 -6.44 -2.13
C14 IL4 C . -2.93 -5.42 -0.82
C01 IL4 C . 1.75 -14.27 0.26
C02 IL4 C . 0.23 -14.25 0.50
C03 IL4 C . -0.48 -13.18 -0.33
C05 IL4 C . -2.74 -12.76 -1.01
C06 IL4 C . -1.95 -11.77 1.06
C07 IL4 C . -1.40 -10.50 0.40
C09 IL4 C . -1.49 -8.56 -0.77
C15 IL4 C . -3.85 -4.57 -1.69
C17 IL4 C . -5.56 -3.70 -2.64
C18 IL4 C . -6.91 -3.45 -2.93
C19 IL4 C . -7.82 -4.47 -2.80
C20 IL4 C . -9.15 -4.21 -3.04
C21 IL4 C . -9.57 -2.94 -3.34
C22 IL4 C . -11.07 -2.75 -3.58
C26 IL4 C . -8.65 -1.88 -3.44
C27 IL4 C . -7.31 -2.15 -3.22
C30 IL4 C . -3.21 -6.77 -0.61
C31 IL4 C . -0.11 -8.53 -0.58
F23 IL4 C . -11.79 -2.90 -2.43
F24 IL4 C . -11.49 -3.73 -4.40
F25 IL4 C . -11.34 -1.54 -4.13
N04 IL4 C . -1.86 -12.92 0.13
N08 IL4 C . -2.12 -9.59 -0.24
N13 IL4 C . -1.49 -5.27 -1.47
N16 IL4 C . -5.16 -4.64 -1.80
N28 IL4 C . -4.55 -2.96 -3.06
O11 IL4 C . -3.08 -8.19 -2.53
O29 IL4 C . -3.43 -3.53 -2.46
S32 IL4 C . 0.24 -10.01 0.32
S DMS D . 9.37 -15.02 11.94
O DMS D . 8.21 -14.10 11.57
C1 DMS D . 9.45 -16.43 10.81
C2 DMS D . 8.91 -15.88 13.45
C ACT E . 20.84 2.05 10.27
O ACT E . 20.27 2.61 9.29
OXT ACT E . 21.26 2.61 11.41
CH3 ACT E . 21.09 0.50 10.10
S DMS F . -10.32 12.06 -19.04
O DMS F . -9.19 13.08 -19.09
C1 DMS F . -11.40 12.46 -17.64
C2 DMS F . -9.71 10.47 -18.37
C ACT G . -14.92 5.53 17.30
O ACT G . -14.32 5.51 16.19
OXT ACT G . -14.48 5.38 18.50
CH3 ACT G . -16.47 5.71 17.15
S DMS H . -1.89 18.18 -21.84
O DMS H . -1.46 16.78 -21.94
C1 DMS H . -2.02 18.81 -23.53
C2 DMS H . -0.59 19.31 -21.39
#